data_2A5G
#
_entry.id   2A5G
#
_cell.length_a   38.067
_cell.length_b   44.484
_cell.length_c   56.045
_cell.angle_alpha   107.38
_cell.angle_beta   101.72
_cell.angle_gamma   102.94
#
_symmetry.space_group_name_H-M   'P 1'
#
loop_
_entity.id
_entity.type
_entity.pdbx_description
1 polymer 'ADP-ribosylation factor 6'
2 polymer 'Cholera enterotoxin, A chain'
3 non-polymer 'MAGNESIUM ION'
4 non-polymer "GUANOSINE-5'-TRIPHOSPHATE"
5 non-polymer 'SODIUM ION'
6 water water
#
loop_
_entity_poly.entity_id
_entity_poly.type
_entity_poly.pdbx_seq_one_letter_code
_entity_poly.pdbx_strand_id
1 'polypeptide(L)'
;MGKVLSKIFGNKEMRILMLGLDAAGKTTILYKLKLGQSVTTIPTVGFNVETVTYKNVKFNVWDVGGLDKIRPLWRHYYTG
TQGLIFVVDCADRDRIDEARQELHRIINDREMRDAIILIFANKQDLPDAMKPHEIQEKLGLTRIRDRNWYVQPSCATSGD
GLYEGLTWLTSNYKS
;
A
2 'polypeptide(L)'
;SNDDKLYRADSRPPDEIKQSGGLMPRGQSEYFDRGTQMNINLYDHARGTQTGFVRHDDGYVSTSISLRSAHLVGQTILSG
HSTYYIYVIATAPNMFNVNDVLGAYSPHPDDQDVSALGGIPYSQIYGWYRVHFGVLDEQLHRNRGYRDRYYSNLDIAPAA
DGYGLAGFPPEHRAWREEPWIHHAPPGSGNAPR
;
B
#
loop_
_chem_comp.id
_chem_comp.type
_chem_comp.name
_chem_comp.formula
GTP non-polymer GUANOSINE-5'-TRIPHOSPHATE 'C10 H16 N5 O14 P3'
MG non-polymer 'MAGNESIUM ION' 'Mg 2'
NA non-polymer 'SODIUM ION' 'Na 1'
#
# COMPACT_ATOMS: atom_id res chain seq x y z
N LYS A 12 -7.40 24.62 2.20
CA LYS A 12 -6.75 24.23 0.91
C LYS A 12 -6.11 22.84 1.03
N GLU A 13 -6.84 21.83 0.59
CA GLU A 13 -6.36 20.45 0.66
C GLU A 13 -5.87 20.01 -0.71
N MET A 14 -4.61 19.60 -0.78
CA MET A 14 -4.05 19.07 -2.02
C MET A 14 -3.78 17.57 -1.89
N ARG A 15 -4.33 16.79 -2.82
CA ARG A 15 -4.14 15.35 -2.81
C ARG A 15 -2.85 15.00 -3.55
N ILE A 16 -1.91 14.41 -2.82
CA ILE A 16 -0.63 14.03 -3.39
C ILE A 16 -0.55 12.51 -3.55
N LEU A 17 -0.10 12.07 -4.72
CA LEU A 17 0.19 10.67 -4.95
C LEU A 17 1.68 10.50 -5.13
N MET A 18 2.33 9.83 -4.20
CA MET A 18 3.76 9.63 -4.24
C MET A 18 4.09 8.23 -4.75
N LEU A 19 4.67 8.17 -5.95
CA LEU A 19 4.98 6.91 -6.62
C LEU A 19 6.48 6.83 -6.92
N GLY A 20 6.89 5.70 -7.50
CA GLY A 20 8.31 5.46 -7.81
C GLY A 20 8.67 4.01 -7.59
N LEU A 21 9.84 3.61 -8.10
CA LEU A 21 10.28 2.22 -7.97
C LEU A 21 10.59 1.91 -6.50
N ASP A 22 10.65 0.61 -6.17
CA ASP A 22 10.98 0.20 -4.81
C ASP A 22 12.38 0.68 -4.43
N ALA A 23 12.58 0.94 -3.15
CA ALA A 23 13.87 1.39 -2.61
C ALA A 23 14.19 2.85 -2.98
N ALA A 24 13.22 3.57 -3.55
CA ALA A 24 13.45 4.94 -4.00
C ALA A 24 13.52 5.91 -2.82
N GLY A 25 12.83 5.59 -1.72
CA GLY A 25 12.84 6.42 -0.53
C GLY A 25 11.54 7.17 -0.31
N LYS A 26 10.45 6.62 -0.83
CA LYS A 26 9.14 7.25 -0.75
C LYS A 26 8.62 7.32 0.68
N THR A 27 8.63 6.16 1.36
CA THR A 27 8.13 6.08 2.72
C THR A 27 9.01 6.88 3.68
N THR A 28 10.30 6.91 3.38
CA THR A 28 11.25 7.69 4.16
C THR A 28 10.90 9.17 4.06
N ILE A 29 10.54 9.62 2.86
CA ILE A 29 10.14 11.00 2.64
C ILE A 29 8.81 11.30 3.36
N LEU A 30 7.84 10.41 3.18
CA LEU A 30 6.51 10.61 3.76
C LEU A 30 6.59 10.88 5.25
N TYR A 31 7.32 10.03 5.96
CA TYR A 31 7.37 10.11 7.41
C TYR A 31 8.45 11.06 7.92
N LYS A 32 9.33 11.50 7.02
CA LYS A 32 10.24 12.60 7.34
C LYS A 32 9.40 13.87 7.44
N LEU A 33 8.47 14.02 6.51
CA LEU A 33 7.56 15.17 6.50
C LEU A 33 6.54 15.08 7.63
N LYS A 34 6.01 13.87 7.85
CA LYS A 34 4.95 13.65 8.83
C LYS A 34 5.46 13.72 10.27
N LEU A 35 6.56 13.00 10.54
CA LEU A 35 7.09 12.88 11.90
C LEU A 35 8.28 13.79 12.16
N GLY A 36 8.88 14.33 11.10
CA GLY A 36 10.05 15.18 11.24
C GLY A 36 11.34 14.38 11.38
N GLN A 37 11.24 13.06 11.23
CA GLN A 37 12.40 12.19 11.38
C GLN A 37 12.36 11.04 10.39
N SER A 38 13.53 10.64 9.90
CA SER A 38 13.63 9.48 9.02
C SER A 38 13.55 8.22 9.86
N VAL A 39 12.63 7.33 9.51
CA VAL A 39 12.39 6.12 10.29
C VAL A 39 12.82 4.89 9.51
N THR A 40 13.04 3.79 10.23
CA THR A 40 13.29 2.50 9.60
C THR A 40 12.02 2.09 8.87
N THR A 41 12.16 1.74 7.60
CA THR A 41 11.01 1.41 6.77
C THR A 41 10.96 -0.06 6.42
N ILE A 42 9.82 -0.48 5.89
CA ILE A 42 9.63 -1.82 5.36
C ILE A 42 9.18 -1.67 3.92
N PRO A 43 9.71 -2.51 3.02
CA PRO A 43 9.21 -2.48 1.66
C PRO A 43 7.69 -2.46 1.64
N THR A 44 7.13 -1.38 1.11
CA THR A 44 5.68 -1.22 1.06
C THR A 44 5.11 -2.08 -0.06
N VAL A 45 4.29 -3.06 0.31
CA VAL A 45 3.55 -3.85 -0.67
C VAL A 45 2.10 -3.40 -0.73
N GLY A 46 1.67 -2.69 0.30
CA GLY A 46 0.34 -2.10 0.33
C GLY A 46 0.43 -0.61 0.05
N PHE A 47 0.02 0.20 1.03
CA PHE A 47 0.08 1.64 0.89
C PHE A 47 0.22 2.32 2.25
N ASN A 48 0.78 3.53 2.24
CA ASN A 48 0.82 4.37 3.43
C ASN A 48 0.18 5.70 3.09
N VAL A 49 -0.68 6.19 3.97
CA VAL A 49 -1.34 7.47 3.74
C VAL A 49 -1.29 8.34 4.98
N GLU A 50 -0.81 9.56 4.81
CA GLU A 50 -0.72 10.52 5.89
C GLU A 50 -1.03 11.91 5.36
N THR A 51 -1.60 12.75 6.22
CA THR A 51 -1.86 14.13 5.87
C THR A 51 -0.80 15.01 6.54
N VAL A 52 -0.05 15.73 5.72
CA VAL A 52 0.98 16.64 6.22
C VAL A 52 0.58 18.08 5.93
N THR A 53 0.67 18.92 6.94
CA THR A 53 0.38 20.34 6.77
C THR A 53 1.68 21.13 6.57
N TYR A 54 1.67 22.07 5.64
CA TYR A 54 2.83 22.91 5.38
C TYR A 54 2.45 24.16 4.57
N LYS A 55 2.70 25.33 5.16
CA LYS A 55 2.34 26.60 4.54
C LYS A 55 0.84 26.69 4.23
N ASN A 56 0.03 26.33 5.22
CA ASN A 56 -1.43 26.40 5.11
C ASN A 56 -1.99 25.55 3.97
N VAL A 57 -1.35 24.39 3.74
CA VAL A 57 -1.80 23.47 2.71
C VAL A 57 -1.77 22.04 3.24
N LYS A 58 -2.95 21.44 3.40
CA LYS A 58 -3.07 20.07 3.88
C LYS A 58 -2.72 19.08 2.76
N PHE A 59 -1.49 18.58 2.79
CA PHE A 59 -1.04 17.61 1.80
C PHE A 59 -1.51 16.21 2.18
N ASN A 60 -2.56 15.74 1.52
CA ASN A 60 -3.01 14.36 1.69
C ASN A 60 -2.14 13.44 0.82
N VAL A 61 -1.06 12.94 1.39
CA VAL A 61 -0.04 12.21 0.64
C VAL A 61 -0.27 10.70 0.66
N TRP A 62 -0.31 10.10 -0.52
CA TRP A 62 -0.44 8.65 -0.64
C TRP A 62 0.89 8.05 -1.09
N ASP A 63 1.37 7.07 -0.34
CA ASP A 63 2.60 6.36 -0.68
C ASP A 63 2.29 4.89 -0.98
N VAL A 64 2.35 4.53 -2.26
CA VAL A 64 2.05 3.16 -2.68
C VAL A 64 3.35 2.46 -3.06
N GLY A 65 3.41 1.15 -2.76
CA GLY A 65 4.64 0.37 -2.97
C GLY A 65 5.06 0.28 -4.43
N GLY A 66 6.37 0.27 -4.66
CA GLY A 66 6.93 0.32 -6.01
C GLY A 66 7.49 -0.97 -6.58
N LEU A 67 7.26 -2.09 -5.88
CA LEU A 67 7.67 -3.41 -6.39
C LEU A 67 6.94 -3.66 -7.71
N ASP A 68 7.65 -4.19 -8.71
CA ASP A 68 7.09 -4.40 -10.03
C ASP A 68 5.71 -5.06 -9.99
N LYS A 69 5.52 -6.00 -9.06
CA LYS A 69 4.28 -6.79 -9.01
C LYS A 69 3.05 -5.96 -8.67
N ILE A 70 3.19 -4.96 -7.80
CA ILE A 70 2.03 -4.17 -7.37
C ILE A 70 1.91 -2.81 -8.08
N ARG A 71 2.73 -2.59 -9.11
CA ARG A 71 2.65 -1.35 -9.87
C ARG A 71 1.34 -1.22 -10.64
N PRO A 72 0.79 -2.35 -11.12
CA PRO A 72 -0.55 -2.29 -11.69
C PRO A 72 -1.61 -1.73 -10.74
N LEU A 73 -1.32 -1.74 -9.43
CA LEU A 73 -2.26 -1.21 -8.44
C LEU A 73 -2.21 0.32 -8.34
N TRP A 74 -1.10 0.91 -8.78
CA TRP A 74 -0.95 2.36 -8.75
C TRP A 74 -2.18 3.06 -9.34
N ARG A 75 -2.66 2.53 -10.47
CA ARG A 75 -3.74 3.16 -11.22
C ARG A 75 -5.00 3.39 -10.39
N HIS A 76 -5.23 2.55 -9.39
CA HIS A 76 -6.45 2.64 -8.58
C HIS A 76 -6.39 3.75 -7.54
N TYR A 77 -5.31 4.53 -7.57
CA TYR A 77 -5.15 5.66 -6.64
C TYR A 77 -5.09 6.98 -7.40
N TYR A 78 -5.47 6.98 -8.67
CA TYR A 78 -5.33 8.17 -9.51
C TYR A 78 -6.44 9.18 -9.30
N THR A 79 -7.68 8.71 -9.17
CA THR A 79 -8.83 9.60 -9.10
C THR A 79 -8.60 10.75 -8.10
N GLY A 80 -8.79 11.97 -8.57
CA GLY A 80 -8.72 13.15 -7.71
C GLY A 80 -7.34 13.54 -7.25
N THR A 81 -6.31 13.06 -7.93
CA THR A 81 -4.92 13.37 -7.58
C THR A 81 -4.48 14.70 -8.21
N GLN A 82 -4.14 15.67 -7.36
CA GLN A 82 -3.80 17.02 -7.81
C GLN A 82 -2.29 17.21 -7.98
N GLY A 83 -1.50 16.31 -7.39
CA GLY A 83 -0.05 16.40 -7.47
C GLY A 83 0.62 15.04 -7.47
N LEU A 84 1.64 14.89 -8.31
CA LEU A 84 2.42 13.66 -8.35
C LEU A 84 3.81 13.91 -7.80
N ILE A 85 4.21 13.07 -6.85
CA ILE A 85 5.59 13.08 -6.37
C ILE A 85 6.27 11.79 -6.81
N PHE A 86 7.12 11.87 -7.82
CA PHE A 86 7.88 10.71 -8.26
C PHE A 86 9.27 10.75 -7.63
N VAL A 87 9.55 9.78 -6.76
CA VAL A 87 10.83 9.70 -6.08
C VAL A 87 11.78 8.80 -6.87
N VAL A 88 13.04 9.22 -6.98
CA VAL A 88 14.04 8.48 -7.73
C VAL A 88 15.30 8.27 -6.91
N ASP A 89 15.85 7.06 -6.97
CA ASP A 89 17.15 6.76 -6.37
C ASP A 89 18.23 7.13 -7.38
N CYS A 90 19.04 8.13 -7.04
CA CYS A 90 20.01 8.68 -7.97
C CYS A 90 21.32 7.90 -8.00
N ALA A 91 21.55 7.07 -6.98
CA ALA A 91 22.71 6.19 -6.95
C ALA A 91 22.49 5.01 -7.87
N ASP A 92 21.21 4.66 -8.08
CA ASP A 92 20.84 3.47 -8.85
C ASP A 92 20.69 3.79 -10.33
N ARG A 93 21.74 3.52 -11.11
CA ARG A 93 21.73 3.80 -12.54
C ARG A 93 21.20 2.62 -13.34
N ASP A 94 21.18 1.43 -12.73
CA ASP A 94 20.69 0.24 -13.40
C ASP A 94 19.21 0.38 -13.73
N ARG A 95 18.46 1.01 -12.82
CA ARG A 95 17.01 1.09 -12.97
C ARG A 95 16.50 2.51 -13.24
N ILE A 96 17.39 3.40 -13.66
CA ILE A 96 16.96 4.76 -14.01
C ILE A 96 16.06 4.74 -15.25
N ASP A 97 16.36 3.84 -16.19
CA ASP A 97 15.52 3.68 -17.37
C ASP A 97 14.15 3.14 -16.96
N GLU A 98 14.16 2.16 -16.07
CA GLU A 98 12.93 1.59 -15.53
C GLU A 98 12.11 2.67 -14.83
N ALA A 99 12.80 3.61 -14.18
CA ALA A 99 12.14 4.74 -13.51
C ALA A 99 11.51 5.71 -14.51
N ARG A 100 12.17 5.91 -15.65
CA ARG A 100 11.64 6.78 -16.70
C ARG A 100 10.32 6.24 -17.23
N GLN A 101 10.37 5.00 -17.72
CA GLN A 101 9.18 4.35 -18.28
C GLN A 101 7.98 4.43 -17.35
N GLU A 102 8.20 4.13 -16.07
CA GLU A 102 7.12 4.15 -15.09
C GLU A 102 6.58 5.56 -14.87
N LEU A 103 7.46 6.56 -14.85
CA LEU A 103 7.04 7.94 -14.67
C LEU A 103 6.09 8.34 -15.78
N HIS A 104 6.48 8.10 -17.02
CA HIS A 104 5.67 8.46 -18.18
C HIS A 104 4.41 7.62 -18.29
N ARG A 105 4.43 6.44 -17.70
CA ARG A 105 3.23 5.60 -17.65
C ARG A 105 2.21 6.16 -16.66
N ILE A 106 2.69 6.83 -15.62
CA ILE A 106 1.80 7.43 -14.63
C ILE A 106 1.17 8.72 -15.16
N ILE A 107 2.00 9.62 -15.67
CA ILE A 107 1.55 10.97 -16.02
C ILE A 107 0.69 11.00 -17.29
N ASN A 108 0.83 9.99 -18.14
CA ASN A 108 0.05 9.91 -19.37
C ASN A 108 -1.29 9.21 -19.19
N ASP A 109 -1.58 8.77 -17.97
CA ASP A 109 -2.88 8.17 -17.66
C ASP A 109 -3.94 9.26 -17.71
N ARG A 110 -5.15 8.87 -18.11
CA ARG A 110 -6.27 9.80 -18.24
C ARG A 110 -6.52 10.63 -16.97
N GLU A 111 -6.34 10.01 -15.81
CA GLU A 111 -6.69 10.66 -14.55
C GLU A 111 -5.50 11.34 -13.87
N MET A 112 -4.35 11.35 -14.55
CA MET A 112 -3.18 12.07 -14.04
C MET A 112 -2.78 13.16 -15.02
N ARG A 113 -3.73 13.58 -15.86
CA ARG A 113 -3.47 14.59 -16.88
C ARG A 113 -3.22 15.96 -16.25
N ASP A 114 -4.08 16.36 -15.32
CA ASP A 114 -4.02 17.69 -14.73
C ASP A 114 -3.07 17.78 -13.52
N ALA A 115 -2.30 16.72 -13.28
CA ALA A 115 -1.43 16.68 -12.11
C ALA A 115 -0.13 17.44 -12.33
N ILE A 116 0.26 18.25 -11.35
CA ILE A 116 1.59 18.84 -11.33
C ILE A 116 2.56 17.79 -10.80
N ILE A 117 3.78 17.77 -11.34
CA ILE A 117 4.70 16.67 -11.08
C ILE A 117 5.98 17.11 -10.39
N LEU A 118 6.09 16.81 -9.10
CA LEU A 118 7.33 17.04 -8.37
C LEU A 118 8.20 15.79 -8.44
N ILE A 119 9.44 15.96 -8.89
CA ILE A 119 10.38 14.86 -8.91
C ILE A 119 11.42 15.06 -7.82
N PHE A 120 11.51 14.10 -6.91
CA PHE A 120 12.58 14.10 -5.94
C PHE A 120 13.74 13.27 -6.47
N ALA A 121 14.83 13.96 -6.83
CA ALA A 121 16.08 13.30 -7.12
C ALA A 121 16.72 12.90 -5.79
N ASN A 122 16.20 11.81 -5.21
CA ASN A 122 16.55 11.41 -3.86
C ASN A 122 17.90 10.73 -3.77
N LYS A 123 18.48 10.76 -2.57
CA LYS A 123 19.75 10.10 -2.27
C LYS A 123 20.95 10.87 -2.82
N GLN A 124 20.94 12.19 -2.67
CA GLN A 124 22.03 13.03 -3.14
C GLN A 124 23.24 12.94 -2.21
N ASP A 125 23.01 12.46 -0.99
CA ASP A 125 24.07 12.30 -0.01
C ASP A 125 25.13 11.29 -0.48
N LEU A 126 24.69 10.27 -1.23
CA LEU A 126 25.59 9.25 -1.74
C LEU A 126 26.54 9.85 -2.78
N PRO A 127 27.82 9.42 -2.77
CA PRO A 127 28.86 10.01 -3.61
C PRO A 127 28.69 9.78 -5.11
N ASP A 128 28.24 8.59 -5.50
CA ASP A 128 28.10 8.26 -6.91
C ASP A 128 26.73 8.67 -7.49
N ALA A 129 25.94 9.38 -6.70
CA ALA A 129 24.58 9.74 -7.12
C ALA A 129 24.57 10.67 -8.32
N MET A 130 23.55 10.56 -9.15
CA MET A 130 23.37 11.41 -10.32
C MET A 130 22.80 12.77 -9.91
N LYS A 131 23.31 13.84 -10.52
CA LYS A 131 22.84 15.18 -10.24
C LYS A 131 21.50 15.41 -10.94
N PRO A 132 20.69 16.35 -10.41
CA PRO A 132 19.37 16.69 -10.96
C PRO A 132 19.36 16.93 -12.47
N HIS A 133 20.39 17.57 -13.00
CA HIS A 133 20.45 17.87 -14.43
C HIS A 133 20.70 16.63 -15.28
N GLU A 134 21.18 15.56 -14.64
CA GLU A 134 21.32 14.27 -15.32
C GLU A 134 20.02 13.48 -15.16
N ILE A 135 19.43 13.54 -13.97
CA ILE A 135 18.17 12.86 -13.68
C ILE A 135 17.04 13.36 -14.58
N GLN A 136 16.96 14.68 -14.72
CA GLN A 136 15.99 15.31 -15.61
C GLN A 136 16.07 14.72 -17.02
N GLU A 137 17.29 14.54 -17.51
CA GLU A 137 17.52 14.00 -18.84
C GLU A 137 17.22 12.50 -18.87
N LYS A 138 17.78 11.78 -17.91
CA LYS A 138 17.61 10.32 -17.84
C LYS A 138 16.17 9.90 -17.55
N LEU A 139 15.36 10.83 -17.05
CA LEU A 139 13.93 10.58 -16.88
C LEU A 139 13.13 11.06 -18.09
N GLY A 140 13.86 11.48 -19.13
CA GLY A 140 13.24 11.87 -20.40
C GLY A 140 12.13 12.88 -20.28
N LEU A 141 12.33 13.91 -19.46
CA LEU A 141 11.36 14.99 -19.35
C LEU A 141 11.98 16.33 -19.71
N THR A 142 13.04 16.29 -20.52
CA THR A 142 13.74 17.50 -20.94
C THR A 142 12.89 18.34 -21.90
N ARG A 143 12.05 17.68 -22.69
CA ARG A 143 11.25 18.38 -23.70
C ARG A 143 9.78 18.48 -23.31
N ILE A 144 9.47 18.13 -22.06
CA ILE A 144 8.11 18.25 -21.56
C ILE A 144 7.83 19.69 -21.15
N ARG A 145 7.24 20.45 -22.06
CA ARG A 145 6.85 21.82 -21.77
C ARG A 145 5.35 21.88 -21.47
N ASP A 146 4.66 20.78 -21.74
CA ASP A 146 3.21 20.71 -21.61
C ASP A 146 2.77 20.61 -20.16
N ARG A 147 3.65 20.06 -19.33
CA ARG A 147 3.29 19.71 -17.95
C ARG A 147 4.12 20.49 -16.95
N ASN A 148 3.49 20.91 -15.87
CA ASN A 148 4.18 21.61 -14.81
C ASN A 148 4.99 20.62 -13.97
N TRP A 149 6.29 20.53 -14.24
CA TRP A 149 7.16 19.64 -13.48
C TRP A 149 8.37 20.39 -12.92
N TYR A 150 9.11 19.70 -12.05
CA TYR A 150 10.29 20.28 -11.42
C TYR A 150 11.07 19.15 -10.75
N VAL A 151 12.38 19.15 -10.93
CA VAL A 151 13.25 18.13 -10.32
C VAL A 151 14.00 18.73 -9.15
N GLN A 152 13.75 18.19 -7.95
CA GLN A 152 14.33 18.72 -6.72
C GLN A 152 15.30 17.72 -6.12
N PRO A 153 16.60 18.06 -6.07
CA PRO A 153 17.55 17.18 -5.39
C PRO A 153 17.18 17.04 -3.92
N SER A 154 17.25 15.83 -3.39
CA SER A 154 16.85 15.60 -2.01
C SER A 154 17.64 14.49 -1.35
N CYS A 155 17.67 14.55 -0.02
CA CYS A 155 18.15 13.47 0.81
C CYS A 155 17.08 13.25 1.86
N ALA A 156 16.30 12.19 1.68
CA ALA A 156 15.14 11.93 2.55
C ALA A 156 15.55 11.66 3.98
N THR A 157 16.72 11.08 4.18
CA THR A 157 17.21 10.75 5.52
C THR A 157 17.57 12.00 6.31
N SER A 158 18.17 12.98 5.62
CA SER A 158 18.54 14.25 6.25
C SER A 158 17.39 15.25 6.20
N GLY A 159 16.55 15.13 5.18
CA GLY A 159 15.42 16.03 4.98
C GLY A 159 15.75 17.14 3.98
N ASP A 160 17.00 17.17 3.53
CA ASP A 160 17.43 18.18 2.57
C ASP A 160 16.61 18.12 1.29
N GLY A 161 16.04 19.26 0.89
CA GLY A 161 15.33 19.37 -0.37
C GLY A 161 13.84 19.06 -0.31
N LEU A 162 13.37 18.50 0.80
CA LEU A 162 11.98 18.08 0.91
C LEU A 162 11.04 19.27 0.92
N TYR A 163 11.26 20.20 1.85
CA TYR A 163 10.38 21.37 1.98
C TYR A 163 10.64 22.40 0.89
N GLU A 164 11.73 22.24 0.15
CA GLU A 164 11.96 23.02 -1.05
C GLU A 164 11.00 22.52 -2.14
N GLY A 165 10.88 21.21 -2.24
CA GLY A 165 9.98 20.58 -3.21
C GLY A 165 8.53 20.89 -2.91
N LEU A 166 8.17 20.91 -1.63
CA LEU A 166 6.80 21.24 -1.22
C LEU A 166 6.49 22.71 -1.47
N THR A 167 7.51 23.56 -1.38
CA THR A 167 7.33 24.99 -1.64
C THR A 167 6.96 25.21 -3.10
N TRP A 168 7.57 24.43 -3.99
CA TRP A 168 7.24 24.48 -5.41
C TRP A 168 5.83 23.93 -5.64
N LEU A 169 5.51 22.87 -4.91
CA LEU A 169 4.20 22.23 -5.00
C LEU A 169 3.12 23.21 -4.53
N THR A 170 3.42 23.94 -3.47
CA THR A 170 2.50 24.92 -2.90
C THR A 170 2.27 26.09 -3.85
N SER A 171 3.36 26.56 -4.47
CA SER A 171 3.29 27.68 -5.40
C SER A 171 2.48 27.35 -6.64
N ASN A 172 2.36 26.05 -6.94
CA ASN A 172 1.56 25.60 -8.08
C ASN A 172 0.27 24.92 -7.60
N TYR A 173 -0.35 25.50 -6.58
CA TYR A 173 -1.59 24.95 -6.04
C TYR A 173 -2.13 25.84 -4.91
N ASN B 2 -17.23 2.57 -4.40
CA ASN B 2 -18.33 2.54 -3.39
C ASN B 2 -17.81 2.54 -1.96
N ASP B 3 -18.74 2.63 -1.00
CA ASP B 3 -18.36 2.67 0.42
C ASP B 3 -19.02 1.54 1.21
N ASP B 4 -18.81 0.31 0.77
CA ASP B 4 -19.15 -0.87 1.56
C ASP B 4 -17.96 -1.19 2.47
N LYS B 5 -18.08 -2.22 3.30
CA LYS B 5 -17.06 -2.48 4.32
C LYS B 5 -16.72 -3.95 4.52
N LEU B 6 -15.55 -4.18 5.10
CA LEU B 6 -15.07 -5.53 5.39
C LEU B 6 -14.92 -5.71 6.89
N TYR B 7 -14.99 -6.96 7.34
CA TYR B 7 -14.96 -7.28 8.76
C TYR B 7 -13.83 -8.25 9.06
N ARG B 8 -13.11 -7.99 10.16
CA ARG B 8 -12.03 -8.89 10.56
C ARG B 8 -12.08 -9.22 12.05
N ALA B 9 -12.18 -10.50 12.37
CA ALA B 9 -12.03 -10.98 13.74
C ALA B 9 -10.55 -10.96 14.12
N ASP B 10 -10.25 -10.47 15.32
CA ASP B 10 -8.87 -10.34 15.76
C ASP B 10 -8.80 -10.28 17.27
N SER B 11 -7.81 -10.95 17.84
CA SER B 11 -7.64 -11.01 19.30
C SER B 11 -6.88 -9.81 19.86
N ARG B 12 -6.37 -8.95 18.99
CA ARG B 12 -5.65 -7.76 19.42
C ARG B 12 -6.63 -6.62 19.70
N PRO B 13 -6.54 -6.01 20.89
CA PRO B 13 -7.44 -4.93 21.24
C PRO B 13 -7.09 -3.63 20.51
N PRO B 14 -8.06 -2.71 20.38
CA PRO B 14 -7.88 -1.47 19.61
C PRO B 14 -6.70 -0.61 20.04
N ASP B 15 -6.38 -0.62 21.33
CA ASP B 15 -5.24 0.14 21.83
C ASP B 15 -3.92 -0.39 21.27
N GLU B 16 -3.85 -1.70 21.08
CA GLU B 16 -2.68 -2.32 20.48
C GLU B 16 -2.63 -2.01 18.98
N ILE B 17 -3.80 -2.06 18.35
CA ILE B 17 -3.91 -1.78 16.91
C ILE B 17 -3.59 -0.31 16.61
N LYS B 18 -3.99 0.58 17.51
CA LYS B 18 -3.70 2.01 17.36
C LYS B 18 -2.19 2.26 17.45
N GLN B 19 -1.55 1.60 18.41
CA GLN B 19 -0.11 1.75 18.61
C GLN B 19 0.69 1.09 17.48
N SER B 20 0.09 0.10 16.84
CA SER B 20 0.71 -0.58 15.71
C SER B 20 0.63 0.25 14.43
N GLY B 21 -0.32 1.17 14.39
CA GLY B 21 -0.56 1.97 13.19
C GLY B 21 -1.66 1.37 12.32
N GLY B 22 -2.29 0.32 12.83
CA GLY B 22 -3.36 -0.36 12.12
C GLY B 22 -3.23 -1.86 12.23
N LEU B 23 -4.05 -2.59 11.46
CA LEU B 23 -3.98 -4.04 11.40
C LEU B 23 -2.86 -4.44 10.46
N MET B 24 -1.68 -4.69 11.01
CA MET B 24 -0.51 -5.03 10.19
C MET B 24 -0.38 -6.53 9.99
N PRO B 25 0.38 -6.94 8.96
CA PRO B 25 0.54 -8.37 8.68
C PRO B 25 1.57 -9.02 9.59
N ARG B 26 1.53 -10.35 9.67
CA ARG B 26 2.42 -11.09 10.54
C ARG B 26 3.87 -10.91 10.12
N GLY B 27 4.10 -10.78 8.82
CA GLY B 27 5.45 -10.66 8.28
C GLY B 27 6.15 -9.34 8.57
N GLN B 28 5.39 -8.33 8.97
CA GLN B 28 5.97 -7.01 9.23
C GLN B 28 6.83 -7.04 10.49
N SER B 29 6.28 -7.59 11.56
CA SER B 29 7.02 -7.72 12.82
C SER B 29 8.15 -8.73 12.67
N GLU B 30 7.98 -9.67 11.74
CA GLU B 30 9.01 -10.65 11.42
C GLU B 30 10.16 -9.98 10.67
N TYR B 31 9.82 -9.01 9.83
CA TYR B 31 10.81 -8.29 9.03
C TYR B 31 11.72 -7.42 9.91
N PHE B 32 11.12 -6.71 10.86
CA PHE B 32 11.88 -5.81 11.72
C PHE B 32 12.67 -6.57 12.80
N ASP B 33 12.28 -7.81 13.06
CA ASP B 33 12.95 -8.61 14.09
C ASP B 33 14.02 -9.54 13.51
N ARG B 34 13.67 -10.27 12.46
CA ARG B 34 14.58 -11.25 11.89
C ARG B 34 15.17 -10.82 10.55
N GLY B 35 14.54 -9.84 9.90
CA GLY B 35 14.98 -9.40 8.58
C GLY B 35 14.32 -10.19 7.46
N THR B 36 13.39 -11.05 7.82
CA THR B 36 12.71 -11.91 6.86
C THR B 36 11.77 -11.12 5.96
N GLN B 37 12.03 -11.15 4.65
CA GLN B 37 11.17 -10.49 3.68
C GLN B 37 9.80 -11.15 3.65
N MET B 38 8.75 -10.32 3.64
CA MET B 38 7.38 -10.81 3.71
C MET B 38 6.99 -11.64 2.50
N ASN B 39 6.06 -12.56 2.69
CA ASN B 39 5.58 -13.43 1.62
C ASN B 39 4.28 -12.90 1.03
N ILE B 40 4.37 -12.34 -0.18
CA ILE B 40 3.22 -11.74 -0.84
C ILE B 40 2.54 -12.70 -1.82
N ASN B 41 2.82 -14.00 -1.68
CA ASN B 41 2.12 -15.03 -2.44
C ASN B 41 0.75 -15.29 -1.85
N LEU B 42 -0.30 -14.90 -2.57
CA LEU B 42 -1.66 -15.04 -2.07
C LEU B 42 -2.02 -16.50 -1.79
N TYR B 43 -1.42 -17.41 -2.56
CA TYR B 43 -1.66 -18.85 -2.40
C TYR B 43 -1.06 -19.35 -1.08
N ASP B 44 0.12 -18.85 -0.72
CA ASP B 44 0.75 -19.19 0.55
C ASP B 44 -0.07 -18.64 1.73
N HIS B 45 -0.68 -17.48 1.51
CA HIS B 45 -1.54 -16.84 2.51
C HIS B 45 -2.80 -17.66 2.75
N ALA B 46 -3.42 -18.13 1.68
CA ALA B 46 -4.67 -18.89 1.76
C ALA B 46 -4.45 -20.29 2.32
N ARG B 47 -3.28 -20.88 2.05
CA ARG B 47 -2.95 -22.20 2.57
C ARG B 47 -2.64 -22.17 4.06
N GLY B 48 -1.67 -21.34 4.45
CA GLY B 48 -1.31 -21.17 5.86
C GLY B 48 -0.39 -22.26 6.37
N THR B 49 -0.86 -23.01 7.37
CA THR B 49 -0.09 -24.07 8.01
C THR B 49 -0.47 -24.14 9.50
N GLN B 50 -1.29 -25.11 9.85
CA GLN B 50 -1.73 -25.29 11.24
C GLN B 50 -0.60 -25.81 12.10
N PHE B 53 -2.46 -21.94 11.81
CA PHE B 53 -2.28 -20.51 12.04
C PHE B 53 -1.76 -19.80 10.79
N VAL B 54 -1.55 -18.49 10.90
CA VAL B 54 -0.99 -17.71 9.81
C VAL B 54 0.53 -17.89 9.76
N ARG B 55 1.09 -17.71 8.57
CA ARG B 55 2.54 -17.83 8.40
C ARG B 55 3.20 -16.64 9.07
N HIS B 56 4.43 -16.84 9.55
CA HIS B 56 5.13 -15.80 10.29
C HIS B 56 5.66 -14.70 9.39
N ASP B 57 5.86 -15.00 8.11
CA ASP B 57 6.32 -14.00 7.15
C ASP B 57 5.17 -13.50 6.27
N ASP B 58 3.94 -13.87 6.62
CA ASP B 58 2.78 -13.51 5.82
C ASP B 58 2.66 -12.00 5.68
N GLY B 59 2.39 -11.54 4.46
CA GLY B 59 2.27 -10.11 4.19
C GLY B 59 0.85 -9.65 3.89
N TYR B 60 -0.11 -10.50 4.20
CA TYR B 60 -1.52 -10.19 3.98
C TYR B 60 -2.27 -10.13 5.31
N VAL B 61 -3.41 -9.44 5.31
CA VAL B 61 -4.29 -9.41 6.45
C VAL B 61 -5.70 -9.81 6.00
N SER B 62 -6.17 -10.97 6.48
CA SER B 62 -7.44 -11.53 6.05
C SER B 62 -8.63 -10.77 6.62
N THR B 63 -9.70 -10.68 5.83
CA THR B 63 -10.94 -10.05 6.27
C THR B 63 -12.12 -10.88 5.79
N SER B 64 -13.30 -10.57 6.32
CA SER B 64 -14.52 -11.23 5.90
C SER B 64 -15.46 -10.20 5.29
N ILE B 65 -16.39 -10.68 4.47
CA ILE B 65 -17.31 -9.79 3.76
C ILE B 65 -18.50 -9.39 4.61
N SER B 66 -18.86 -10.23 5.57
CA SER B 66 -20.04 -10.00 6.40
C SER B 66 -19.69 -10.05 7.87
N LEU B 67 -20.64 -9.64 8.72
CA LEU B 67 -20.47 -9.69 10.17
C LEU B 67 -20.63 -11.12 10.67
N ARG B 68 -21.55 -11.87 10.08
CA ARG B 68 -21.75 -13.27 10.43
C ARG B 68 -20.51 -14.11 10.12
N SER B 69 -19.84 -13.78 9.01
CA SER B 69 -18.63 -14.49 8.60
C SER B 69 -17.45 -14.16 9.50
N ALA B 70 -17.29 -12.88 9.83
CA ALA B 70 -16.23 -12.45 10.73
C ALA B 70 -16.44 -13.06 12.11
N HIS B 71 -17.69 -13.09 12.55
CA HIS B 71 -18.04 -13.77 13.81
C HIS B 71 -17.66 -15.24 13.74
N LEU B 72 -17.95 -15.87 12.60
CA LEU B 72 -17.63 -17.28 12.42
C LEU B 72 -16.13 -17.52 12.55
N VAL B 73 -15.33 -16.64 11.94
CA VAL B 73 -13.88 -16.70 12.10
C VAL B 73 -13.54 -16.62 13.60
N GLY B 74 -14.23 -15.74 14.30
CA GLY B 74 -14.00 -15.56 15.73
C GLY B 74 -14.36 -16.78 16.56
N GLN B 75 -15.45 -17.46 16.20
CA GLN B 75 -15.89 -18.61 16.98
C GLN B 75 -15.26 -19.92 16.48
N THR B 76 -14.46 -19.84 15.43
CA THR B 76 -13.72 -20.98 14.94
C THR B 76 -12.22 -20.79 15.21
N ILE B 77 -11.62 -19.87 14.47
CA ILE B 77 -10.18 -19.65 14.53
C ILE B 77 -9.74 -19.01 15.84
N LEU B 78 -10.56 -18.11 16.38
CA LEU B 78 -10.25 -17.48 17.67
C LEU B 78 -10.98 -18.16 18.83
N SER B 79 -11.26 -19.46 18.68
CA SER B 79 -11.91 -20.22 19.74
C SER B 79 -10.91 -20.47 20.87
N GLY B 80 -11.35 -20.22 22.10
CA GLY B 80 -10.48 -20.31 23.27
C GLY B 80 -10.17 -18.94 23.83
N HIS B 81 -10.23 -17.92 22.97
CA HIS B 81 -9.99 -16.54 23.39
C HIS B 81 -11.20 -15.98 24.13
N SER B 82 -10.98 -15.55 25.36
CA SER B 82 -12.04 -14.96 26.18
C SER B 82 -12.62 -13.73 25.47
N THR B 83 -11.75 -12.82 25.06
CA THR B 83 -12.17 -11.60 24.37
C THR B 83 -11.47 -11.45 23.03
N TYR B 84 -12.23 -11.06 22.01
CA TYR B 84 -11.66 -10.68 20.73
C TYR B 84 -12.54 -9.62 20.09
N TYR B 85 -12.01 -8.97 19.05
CA TYR B 85 -12.71 -7.87 18.40
C TYR B 85 -12.97 -8.16 16.93
N ILE B 86 -14.10 -7.68 16.44
CA ILE B 86 -14.42 -7.71 15.02
C ILE B 86 -14.28 -6.30 14.48
N TYR B 87 -13.21 -6.07 13.72
CA TYR B 87 -12.90 -4.74 13.22
C TYR B 87 -13.63 -4.47 11.91
N VAL B 88 -14.38 -3.38 11.87
CA VAL B 88 -15.08 -2.96 10.66
C VAL B 88 -14.16 -2.06 9.84
N ILE B 89 -13.92 -2.46 8.60
CA ILE B 89 -12.87 -1.88 7.78
C ILE B 89 -13.41 -1.38 6.45
N ALA B 90 -12.87 -0.27 5.97
CA ALA B 90 -13.24 0.28 4.68
C ALA B 90 -12.42 -0.36 3.57
N THR B 91 -12.96 -0.39 2.36
CA THR B 91 -12.28 -1.02 1.23
C THR B 91 -11.19 -0.10 0.66
N ALA B 92 -10.07 -0.71 0.24
CA ALA B 92 -8.97 0.02 -0.37
C ALA B 92 -8.25 -0.87 -1.40
N PRO B 93 -7.64 -0.25 -2.41
CA PRO B 93 -7.09 -0.99 -3.57
C PRO B 93 -5.90 -1.92 -3.28
N ASN B 94 -5.60 -2.17 -2.00
CA ASN B 94 -4.60 -3.18 -1.65
C ASN B 94 -5.27 -4.47 -1.21
N MET B 95 -6.59 -4.52 -1.33
CA MET B 95 -7.38 -5.68 -0.93
C MET B 95 -7.79 -6.50 -2.14
N PHE B 96 -7.77 -7.82 -1.97
CA PHE B 96 -8.10 -8.74 -3.05
C PHE B 96 -9.14 -9.75 -2.57
N ASN B 97 -10.05 -10.13 -3.46
CA ASN B 97 -10.95 -11.23 -3.18
C ASN B 97 -10.25 -12.54 -3.50
N VAL B 98 -9.87 -13.28 -2.47
CA VAL B 98 -9.04 -14.48 -2.61
C VAL B 98 -9.64 -15.48 -3.60
N ASN B 99 -10.92 -15.81 -3.43
CA ASN B 99 -11.56 -16.80 -4.27
C ASN B 99 -11.61 -16.41 -5.74
N ASP B 100 -11.59 -15.10 -6.01
CA ASP B 100 -11.61 -14.61 -7.38
C ASP B 100 -10.22 -14.57 -8.00
N VAL B 101 -9.19 -14.43 -7.15
CA VAL B 101 -7.81 -14.41 -7.63
C VAL B 101 -7.31 -15.84 -7.84
N LEU B 102 -7.52 -16.70 -6.83
CA LEU B 102 -7.04 -18.08 -6.89
C LEU B 102 -8.00 -18.99 -7.65
N GLY B 103 -9.24 -18.52 -7.86
CA GLY B 103 -10.22 -19.26 -8.64
C GLY B 103 -10.52 -20.63 -8.08
N ALA B 104 -10.42 -21.64 -8.93
CA ALA B 104 -10.71 -23.02 -8.53
C ALA B 104 -9.71 -23.55 -7.51
N TYR B 105 -8.49 -23.05 -7.57
CA TYR B 105 -7.40 -23.55 -6.71
C TYR B 105 -7.36 -22.87 -5.35
N SER B 106 -8.35 -22.03 -5.06
CA SER B 106 -8.49 -21.44 -3.72
C SER B 106 -8.55 -22.56 -2.69
N PRO B 107 -7.56 -22.62 -1.79
CA PRO B 107 -7.46 -23.70 -0.79
C PRO B 107 -8.68 -23.83 0.13
N HIS B 108 -9.31 -22.71 0.48
CA HIS B 108 -10.43 -22.72 1.42
C HIS B 108 -11.49 -21.71 1.01
N PRO B 109 -12.26 -22.03 -0.05
CA PRO B 109 -13.24 -21.10 -0.61
C PRO B 109 -14.35 -20.69 0.35
N ASP B 110 -14.62 -21.50 1.37
CA ASP B 110 -15.67 -21.19 2.34
C ASP B 110 -15.33 -19.98 3.19
N ASP B 111 -14.05 -19.61 3.22
CA ASP B 111 -13.63 -18.40 3.94
C ASP B 111 -14.21 -17.15 3.32
N GLN B 112 -14.43 -17.18 2.01
CA GLN B 112 -14.83 -15.99 1.27
C GLN B 112 -14.00 -14.82 1.77
N ASP B 113 -12.68 -15.01 1.75
CA ASP B 113 -11.76 -14.08 2.36
C ASP B 113 -11.39 -12.94 1.42
N VAL B 114 -11.34 -11.73 1.98
CA VAL B 114 -10.79 -10.57 1.28
C VAL B 114 -9.53 -10.15 2.01
N SER B 115 -8.38 -10.36 1.38
CA SER B 115 -7.10 -10.15 2.05
C SER B 115 -6.44 -8.83 1.66
N ALA B 116 -5.95 -8.10 2.66
CA ALA B 116 -5.31 -6.81 2.44
C ALA B 116 -3.80 -6.97 2.36
N LEU B 117 -3.24 -6.71 1.18
CA LEU B 117 -1.80 -6.80 0.97
C LEU B 117 -1.08 -5.66 1.67
N GLY B 118 -0.18 -6.00 2.59
CA GLY B 118 0.64 -5.00 3.28
C GLY B 118 0.02 -4.45 4.55
N GLY B 119 -1.15 -4.95 4.92
CA GLY B 119 -1.82 -4.53 6.13
C GLY B 119 -2.76 -3.36 5.93
N ILE B 120 -3.48 -3.01 6.98
CA ILE B 120 -4.53 -2.01 6.93
C ILE B 120 -4.25 -0.88 7.90
N PRO B 121 -4.01 0.34 7.38
CA PRO B 121 -3.82 1.52 8.21
C PRO B 121 -4.97 1.75 9.20
N TYR B 122 -4.67 2.46 10.29
CA TYR B 122 -5.64 2.71 11.35
C TYR B 122 -6.77 3.62 10.89
N SER B 123 -6.48 4.49 9.92
CA SER B 123 -7.47 5.43 9.41
C SER B 123 -8.54 4.73 8.56
N GLN B 124 -8.27 3.47 8.20
CA GLN B 124 -9.18 2.69 7.37
C GLN B 124 -10.16 1.88 8.22
N ILE B 125 -9.91 1.80 9.52
CA ILE B 125 -10.77 1.04 10.43
C ILE B 125 -11.93 1.90 10.92
N TYR B 126 -13.13 1.59 10.46
CA TYR B 126 -14.33 2.36 10.80
C TYR B 126 -14.63 2.29 12.29
N GLY B 127 -14.53 1.10 12.86
CA GLY B 127 -14.81 0.88 14.28
C GLY B 127 -14.61 -0.58 14.64
N TRP B 128 -15.12 -0.99 15.80
CA TRP B 128 -14.96 -2.36 16.24
C TRP B 128 -16.07 -2.82 17.19
N TYR B 129 -16.49 -4.06 17.01
CA TYR B 129 -17.37 -4.72 17.96
C TYR B 129 -16.51 -5.48 18.95
N ARG B 130 -17.07 -5.79 20.12
CA ARG B 130 -16.37 -6.59 21.11
C ARG B 130 -17.13 -7.87 21.36
N VAL B 131 -16.42 -9.00 21.29
CA VAL B 131 -17.01 -10.30 21.55
C VAL B 131 -16.43 -10.86 22.84
N HIS B 132 -17.26 -10.96 23.88
CA HIS B 132 -16.84 -11.46 25.17
C HIS B 132 -17.57 -12.76 25.48
N PHE B 133 -16.80 -13.82 25.72
CA PHE B 133 -17.35 -15.17 25.95
C PHE B 133 -18.33 -15.60 24.86
N GLY B 134 -18.01 -15.27 23.61
CA GLY B 134 -18.85 -15.65 22.47
C GLY B 134 -20.03 -14.71 22.25
N VAL B 135 -20.31 -13.86 23.21
CA VAL B 135 -21.46 -12.96 23.16
C VAL B 135 -21.10 -11.65 22.47
N LEU B 136 -21.98 -11.20 21.58
CA LEU B 136 -21.80 -9.97 20.83
C LEU B 136 -23.03 -9.07 21.02
N ASP B 137 -23.19 -8.53 22.23
CA ASP B 137 -24.37 -7.73 22.55
C ASP B 137 -24.07 -6.24 22.67
N GLU B 138 -22.81 -5.87 22.44
CA GLU B 138 -22.42 -4.46 22.52
C GLU B 138 -22.43 -3.82 21.12
N GLN B 139 -22.92 -2.59 21.05
CA GLN B 139 -22.99 -1.86 19.80
C GLN B 139 -21.59 -1.46 19.33
N LEU B 140 -21.51 -0.95 18.11
CA LEU B 140 -20.23 -0.61 17.48
C LEU B 140 -19.59 0.60 18.13
N HIS B 141 -18.29 0.52 18.39
CA HIS B 141 -17.52 1.68 18.86
C HIS B 141 -16.81 2.34 17.69
N ARG B 142 -17.14 3.61 17.44
CA ARG B 142 -16.61 4.34 16.30
C ARG B 142 -15.15 4.76 16.52
N ASN B 143 -14.35 4.62 15.47
CA ASN B 143 -12.95 5.05 15.49
C ASN B 143 -12.87 6.53 15.11
N ARG B 144 -12.40 7.36 16.06
CA ARG B 144 -12.21 8.78 15.79
C ARG B 144 -11.06 9.00 14.81
N GLY B 145 -10.21 8.00 14.64
CA GLY B 145 -9.11 8.07 13.70
C GLY B 145 -9.51 7.72 12.28
N TYR B 146 -10.72 7.18 12.11
CA TYR B 146 -11.21 6.79 10.79
C TYR B 146 -11.31 7.96 9.83
N ARG B 147 -10.79 7.78 8.61
CA ARG B 147 -10.87 8.79 7.58
C ARG B 147 -11.64 8.27 6.37
N ASP B 148 -12.91 8.64 6.29
CA ASP B 148 -13.78 8.20 5.20
C ASP B 148 -13.36 8.81 3.87
N ARG B 149 -12.97 10.09 3.90
CA ARG B 149 -12.53 10.80 2.70
C ARG B 149 -11.43 10.05 1.94
N TYR B 150 -10.61 9.31 2.67
CA TYR B 150 -9.53 8.53 2.09
C TYR B 150 -10.06 7.38 1.21
N TYR B 151 -11.04 6.66 1.75
CA TYR B 151 -11.42 5.36 1.19
C TYR B 151 -12.83 5.29 0.61
N SER B 152 -13.65 6.31 0.84
CA SER B 152 -15.02 6.32 0.33
C SER B 152 -15.06 6.13 -1.18
N ASN B 153 -14.07 6.69 -1.88
CA ASN B 153 -14.00 6.61 -3.33
C ASN B 153 -13.01 5.56 -3.85
N LEU B 154 -12.57 4.66 -2.97
CA LEU B 154 -11.66 3.60 -3.36
C LEU B 154 -12.29 2.23 -3.10
N ASP B 155 -12.14 1.33 -4.06
CA ASP B 155 -12.65 -0.03 -3.93
C ASP B 155 -11.48 -1.00 -3.80
N ILE B 156 -11.80 -2.28 -3.60
CA ILE B 156 -10.78 -3.32 -3.53
C ILE B 156 -10.18 -3.55 -4.91
N ALA B 157 -8.98 -4.12 -4.95
CA ALA B 157 -8.32 -4.39 -6.22
C ALA B 157 -9.10 -5.46 -6.99
N PRO B 158 -9.24 -5.28 -8.31
CA PRO B 158 -9.86 -6.33 -9.11
C PRO B 158 -9.02 -7.60 -9.09
N ALA B 159 -9.68 -8.74 -9.26
CA ALA B 159 -8.97 -10.02 -9.31
C ALA B 159 -7.90 -9.98 -10.41
N ALA B 160 -8.21 -9.27 -11.50
CA ALA B 160 -7.26 -9.10 -12.60
C ALA B 160 -5.88 -8.69 -12.12
N ASP B 161 -5.84 -7.69 -11.24
CA ASP B 161 -4.57 -7.18 -10.72
C ASP B 161 -3.94 -8.16 -9.75
N GLY B 162 -4.77 -8.98 -9.10
CA GLY B 162 -4.30 -9.94 -8.13
C GLY B 162 -3.63 -11.18 -8.70
N TYR B 163 -3.89 -11.49 -9.97
CA TYR B 163 -3.37 -12.71 -10.59
C TYR B 163 -1.85 -12.82 -10.53
N GLY B 164 -1.16 -11.68 -10.65
CA GLY B 164 0.30 -11.65 -10.60
C GLY B 164 0.82 -11.95 -9.20
N LEU B 165 -0.03 -11.80 -8.20
CA LEU B 165 0.35 -12.03 -6.81
C LEU B 165 -0.21 -13.34 -6.26
N ALA B 166 -0.74 -14.18 -7.14
CA ALA B 166 -1.31 -15.45 -6.73
C ALA B 166 -0.24 -16.30 -6.04
N GLY B 167 0.95 -16.33 -6.63
CA GLY B 167 2.08 -17.01 -6.01
C GLY B 167 1.91 -18.50 -5.85
N PHE B 168 1.32 -19.15 -6.86
CA PHE B 168 1.30 -20.61 -6.89
C PHE B 168 2.76 -21.08 -7.01
N PRO B 169 3.04 -22.32 -6.58
CA PRO B 169 4.40 -22.82 -6.78
C PRO B 169 4.76 -22.80 -8.26
N PRO B 170 6.04 -22.53 -8.58
CA PRO B 170 6.50 -22.45 -9.97
C PRO B 170 6.01 -23.57 -10.89
N GLU B 171 5.72 -24.74 -10.31
CA GLU B 171 5.28 -25.89 -11.10
C GLU B 171 3.80 -26.23 -10.87
N HIS B 172 3.01 -25.26 -10.42
CA HIS B 172 1.58 -25.46 -10.25
C HIS B 172 0.91 -25.46 -11.62
N ARG B 173 -0.16 -26.24 -11.76
CA ARG B 173 -0.83 -26.37 -13.05
C ARG B 173 -1.65 -25.12 -13.41
N ALA B 174 -1.73 -24.18 -12.48
CA ALA B 174 -2.52 -22.97 -12.68
C ALA B 174 -1.79 -21.98 -13.57
N TRP B 175 -0.46 -22.03 -13.56
CA TRP B 175 0.36 -21.18 -14.44
C TRP B 175 0.26 -21.64 -15.88
N ARG B 176 -0.31 -22.82 -16.09
CA ARG B 176 -0.49 -23.37 -17.43
C ARG B 176 -1.83 -22.94 -18.00
N GLU B 177 -2.69 -22.39 -17.14
CA GLU B 177 -4.08 -22.14 -17.49
C GLU B 177 -4.45 -20.67 -17.40
N GLU B 178 -5.63 -20.34 -17.94
CA GLU B 178 -6.16 -18.99 -17.87
C GLU B 178 -6.71 -18.72 -16.47
N PRO B 179 -6.56 -17.48 -15.96
CA PRO B 179 -5.89 -16.34 -16.58
C PRO B 179 -4.45 -16.17 -16.08
N TRP B 180 -3.98 -17.11 -15.27
CA TRP B 180 -2.70 -16.95 -14.58
C TRP B 180 -1.51 -17.08 -15.52
N ILE B 181 -1.69 -17.84 -16.60
CA ILE B 181 -0.62 -18.03 -17.59
C ILE B 181 -0.07 -16.69 -18.06
N HIS B 182 -0.91 -15.67 -18.06
CA HIS B 182 -0.53 -14.34 -18.51
C HIS B 182 0.40 -13.63 -17.52
N HIS B 183 0.44 -14.11 -16.28
CA HIS B 183 1.33 -13.56 -15.25
C HIS B 183 2.32 -14.60 -14.75
N ALA B 184 2.44 -15.71 -15.48
CA ALA B 184 3.24 -16.84 -15.03
C ALA B 184 4.73 -16.55 -15.04
N PRO B 185 5.44 -16.89 -13.95
CA PRO B 185 6.89 -16.78 -13.95
C PRO B 185 7.54 -17.74 -14.94
N PRO B 186 8.77 -17.44 -15.38
CA PRO B 186 9.43 -18.20 -16.44
C PRO B 186 9.51 -19.71 -16.16
N GLY B 187 8.98 -20.50 -17.09
CA GLY B 187 9.04 -21.96 -16.97
C GLY B 187 7.75 -22.61 -16.53
N SER B 188 6.87 -21.82 -15.92
CA SER B 188 5.63 -22.35 -15.36
C SER B 188 4.58 -22.62 -16.45
MG MG C . 7.93 2.13 1.15
PG GTP D . 8.94 0.69 -1.61
O1G GTP D . 9.28 -0.74 -1.96
O2G GTP D . 8.02 0.69 -0.42
O3G GTP D . 8.25 1.37 -2.78
O3B GTP D . 10.30 1.47 -1.26
PB GTP D . 10.28 3.02 -0.84
O1B GTP D . 10.13 3.89 -2.07
O2B GTP D . 9.20 3.31 0.17
O3A GTP D . 11.75 3.26 -0.21
PA GTP D . 11.97 3.36 1.38
O1A GTP D . 11.32 4.62 1.90
O2A GTP D . 11.45 2.14 2.10
O5' GTP D . 13.56 3.49 1.51
C5' GTP D . 14.41 2.56 0.89
C4' GTP D . 15.77 2.57 1.58
O4' GTP D . 16.53 3.67 1.11
C3' GTP D . 15.62 2.75 3.09
O3' GTP D . 16.55 1.94 3.76
C2' GTP D . 15.93 4.21 3.32
O2' GTP D . 16.52 4.44 4.58
C1' GTP D . 16.89 4.52 2.19
N9 GTP D . 16.83 5.95 1.81
C8 GTP D . 15.71 6.71 1.60
N7 GTP D . 16.10 7.96 1.27
C5 GTP D . 17.45 8.00 1.28
C6 GTP D . 18.37 9.01 1.02
O6 GTP D . 17.97 10.14 0.72
N1 GTP D . 19.72 8.76 1.11
C2 GTP D . 20.15 7.50 1.44
N2 GTP D . 21.45 7.23 1.51
N3 GTP D . 19.24 6.49 1.70
C4 GTP D . 17.92 6.74 1.62
NA NA E . -14.08 2.21 0.05
#